data_4E8W
#
_entry.id   4E8W
#
_cell.length_a   69.579
_cell.length_b   69.579
_cell.length_c   336.445
_cell.angle_alpha   90.00
_cell.angle_beta   90.00
_cell.angle_gamma   90.00
#
_symmetry.space_group_name_H-M   'P 41 2 2'
#
loop_
_entity.id
_entity.type
_entity.pdbx_description
1 polymer 'D-beta-D-heptose 7-phosphate kinase'
2 non-polymer '{[2-({[5-(2,6-dimethoxyphenyl)-1,2,4-triazin-3-yl]amino}methyl)-1,3-benzothiazol-5-yl]oxy}acetic acid'
3 non-polymer 'POTASSIUM ION'
4 water water
#
_entity_poly.entity_id   1
_entity_poly.type   'polypeptide(L)'
_entity_poly.pdbx_seq_one_letter_code
;MSYYHHHHHHLESTSLYKKAGLDYDIPTTENLYFQGMNTLREVVPVPREQLARSRVLVVGDVMLDRYWFGNVDRISPEAP
VPVVHVQRQEERLGGAANVARNAVTLGGQAGLLCVVGCDEPGERIVELLGSSGVTPHLERDPALPTTIKLRVLARQQQLL
RVDFEAMPTHEVLLAGLARFDVLLPQHDVVLMSDYAKGGLTHVTTMIEKARAAGKAVLVDPKGDDWARYRGASLITPNRA
ELREVVGQWKSEDDLRARVANLRAELDIDALLLTRSEEGMTLFSAGGELHAPALAREVFDVSGAGDTVIATVATMLGAGV
PLVDAVVLANRAAGIVVGKLGTATVDYDELFH
;
_entity_poly.pdbx_strand_id   A,B
#
# COMPACT_ATOMS: atom_id res chain seq x y z
N VAL A 46 24.06 -11.94 -27.15
CA VAL A 46 23.58 -12.34 -25.84
C VAL A 46 22.47 -13.37 -25.97
N PRO A 47 22.69 -14.57 -25.41
CA PRO A 47 21.68 -15.64 -25.43
C PRO A 47 20.38 -15.16 -24.82
N ARG A 48 19.25 -15.47 -25.45
CA ARG A 48 17.96 -15.02 -24.95
C ARG A 48 17.61 -15.67 -23.61
N GLU A 49 18.40 -16.66 -23.21
CA GLU A 49 18.21 -17.31 -21.92
C GLU A 49 19.11 -16.70 -20.85
N GLN A 50 20.14 -15.98 -21.27
CA GLN A 50 21.01 -15.28 -20.33
C GLN A 50 20.32 -14.03 -19.82
N LEU A 51 19.70 -13.28 -20.73
CA LEU A 51 18.96 -12.09 -20.33
C LEU A 51 17.53 -12.43 -19.91
N ALA A 52 17.16 -13.71 -20.00
CA ALA A 52 15.85 -14.14 -19.54
C ALA A 52 15.79 -14.06 -18.02
N ARG A 53 16.95 -14.18 -17.38
CA ARG A 53 17.02 -14.09 -15.92
C ARG A 53 17.60 -12.74 -15.49
N SER A 54 17.48 -11.74 -16.35
CA SER A 54 17.84 -10.37 -16.02
C SER A 54 16.64 -9.67 -15.38
N ARG A 55 16.79 -9.34 -14.09
CA ARG A 55 15.69 -8.77 -13.32
CA ARG A 55 15.69 -8.78 -13.31
C ARG A 55 15.91 -7.29 -13.04
N VAL A 56 15.04 -6.46 -13.59
CA VAL A 56 15.16 -5.02 -13.38
C VAL A 56 13.99 -4.47 -12.57
N LEU A 57 14.32 -3.74 -11.50
CA LEU A 57 13.32 -3.10 -10.67
C LEU A 57 13.18 -1.63 -11.04
N VAL A 58 12.16 -1.31 -11.82
CA VAL A 58 11.91 0.07 -12.21
C VAL A 58 11.14 0.78 -11.11
N VAL A 59 11.65 1.93 -10.69
CA VAL A 59 11.02 2.70 -9.63
C VAL A 59 10.84 4.15 -10.07
N GLY A 60 9.65 4.70 -9.84
CA GLY A 60 9.40 6.09 -10.16
C GLY A 60 7.97 6.43 -10.50
N ASP A 61 7.81 7.50 -11.28
CA ASP A 61 6.49 8.07 -11.56
C ASP A 61 5.81 7.39 -12.72
N VAL A 62 4.70 6.71 -12.44
CA VAL A 62 3.91 6.04 -13.47
C VAL A 62 2.77 6.97 -13.93
N MET A 63 2.40 6.85 -15.20
CA MET A 63 1.33 7.69 -15.75
C MET A 63 0.69 7.07 -16.98
N LEU A 64 -0.40 7.69 -17.42
CA LEU A 64 -1.13 7.24 -18.59
C LEU A 64 -1.17 8.36 -19.63
N ASP A 65 -0.66 8.09 -20.81
CA ASP A 65 -0.73 9.06 -21.91
C ASP A 65 -1.98 8.81 -22.74
N ARG A 66 -2.94 9.73 -22.65
CA ARG A 66 -4.23 9.56 -23.31
C ARG A 66 -4.45 10.63 -24.37
N TYR A 67 -5.16 10.27 -25.44
CA TYR A 67 -5.39 11.16 -26.56
C TYR A 67 -6.84 11.16 -27.02
N TRP A 68 -7.41 12.35 -27.21
CA TRP A 68 -8.76 12.49 -27.77
C TRP A 68 -8.70 13.11 -29.16
N PHE A 69 -9.22 12.39 -30.15
CA PHE A 69 -9.29 12.92 -31.51
C PHE A 69 -10.74 13.27 -31.86
N GLY A 70 -10.98 14.53 -32.24
CA GLY A 70 -12.33 14.96 -32.51
C GLY A 70 -12.52 15.85 -33.72
N ASN A 71 -13.77 16.27 -33.95
CA ASN A 71 -14.09 17.24 -34.98
C ASN A 71 -14.57 18.55 -34.37
N VAL A 72 -14.08 19.64 -34.92
CA VAL A 72 -14.44 20.98 -34.47
C VAL A 72 -15.12 21.72 -35.62
N ASP A 73 -16.44 21.86 -35.54
CA ASP A 73 -17.21 22.47 -36.61
C ASP A 73 -17.85 23.77 -36.16
N ARG A 74 -18.09 23.90 -34.86
CA ARG A 74 -18.78 25.06 -34.33
C ARG A 74 -18.11 25.70 -33.12
N ILE A 75 -18.62 26.86 -32.74
CA ILE A 75 -18.21 27.56 -31.53
C ILE A 75 -19.28 27.35 -30.46
N SER A 76 -18.86 27.21 -29.21
CA SER A 76 -19.77 27.06 -28.07
C SER A 76 -20.72 28.26 -27.90
N PRO A 77 -21.95 27.99 -27.45
CA PRO A 77 -22.90 29.07 -27.19
C PRO A 77 -22.60 29.79 -25.88
N GLU A 78 -21.78 29.18 -25.03
CA GLU A 78 -21.45 29.73 -23.71
C GLU A 78 -20.17 30.58 -23.71
N ALA A 79 -19.23 30.24 -24.58
CA ALA A 79 -17.94 30.93 -24.61
C ALA A 79 -17.36 30.96 -26.02
N PRO A 80 -16.46 31.93 -26.29
CA PRO A 80 -15.78 32.01 -27.59
C PRO A 80 -14.72 30.93 -27.73
N VAL A 81 -15.10 29.69 -27.51
CA VAL A 81 -14.16 28.58 -27.55
C VAL A 81 -14.67 27.50 -28.48
N PRO A 82 -13.75 26.74 -29.10
CA PRO A 82 -14.16 25.66 -29.99
C PRO A 82 -14.96 24.57 -29.28
N VAL A 83 -15.74 23.82 -30.04
CA VAL A 83 -16.38 22.62 -29.53
C VAL A 83 -15.75 21.42 -30.23
N VAL A 84 -15.29 20.45 -29.43
CA VAL A 84 -14.64 19.28 -29.97
C VAL A 84 -15.50 18.04 -29.77
N HIS A 85 -16.14 17.60 -30.84
CA HIS A 85 -16.85 16.33 -30.83
C HIS A 85 -15.83 15.20 -30.96
N VAL A 86 -15.50 14.54 -29.86
CA VAL A 86 -14.51 13.46 -29.86
C VAL A 86 -15.03 12.19 -30.54
N GLN A 87 -14.23 11.66 -31.46
CA GLN A 87 -14.63 10.51 -32.26
C GLN A 87 -13.91 9.24 -31.82
N ARG A 88 -12.73 9.39 -31.25
CA ARG A 88 -11.97 8.23 -30.78
C ARG A 88 -10.96 8.60 -29.70
N GLN A 89 -10.54 7.59 -28.95
CA GLN A 89 -9.56 7.76 -27.88
C GLN A 89 -8.49 6.68 -27.96
N GLU A 90 -7.22 7.10 -27.87
CA GLU A 90 -6.11 6.17 -27.79
C GLU A 90 -5.37 6.36 -26.48
N GLU A 91 -4.63 5.35 -26.03
CA GLU A 91 -3.87 5.46 -24.78
C GLU A 91 -2.73 4.45 -24.70
N ARG A 92 -1.67 4.83 -23.99
CA ARG A 92 -0.52 3.96 -23.78
C ARG A 92 0.14 4.27 -22.45
N LEU A 93 0.86 3.28 -21.91
CA LEU A 93 1.59 3.44 -20.66
C LEU A 93 2.69 4.48 -20.79
N GLY A 94 2.74 5.41 -19.85
CA GLY A 94 3.74 6.46 -19.88
C GLY A 94 4.58 6.48 -18.61
N GLY A 95 5.59 7.35 -18.59
CA GLY A 95 6.46 7.49 -17.44
C GLY A 95 7.27 6.23 -17.21
N ALA A 96 7.47 5.89 -15.94
CA ALA A 96 8.23 4.70 -15.56
C ALA A 96 7.63 3.43 -16.18
N ALA A 97 6.34 3.45 -16.47
CA ALA A 97 5.66 2.29 -17.04
C ALA A 97 6.20 1.91 -18.40
N ASN A 98 6.47 2.91 -19.23
CA ASN A 98 7.01 2.65 -20.55
C ASN A 98 8.45 2.18 -20.48
N VAL A 99 9.19 2.69 -19.50
CA VAL A 99 10.56 2.27 -19.28
C VAL A 99 10.59 0.78 -18.94
N ALA A 100 9.68 0.36 -18.07
CA ALA A 100 9.58 -1.06 -17.70
C ALA A 100 9.09 -1.93 -18.85
N ARG A 101 8.35 -1.31 -19.77
CA ARG A 101 7.80 -2.02 -20.91
C ARG A 101 8.91 -2.49 -21.84
N ASN A 102 9.98 -1.69 -21.95
CA ASN A 102 11.09 -1.98 -22.85
C ASN A 102 12.01 -3.10 -22.37
N ALA A 103 12.12 -3.25 -21.05
CA ALA A 103 12.98 -4.26 -20.47
C ALA A 103 12.47 -5.66 -20.78
N VAL A 104 11.15 -5.78 -20.88
CA VAL A 104 10.51 -7.07 -21.12
C VAL A 104 10.63 -7.52 -22.57
N THR A 105 10.47 -6.58 -23.50
CA THR A 105 10.47 -6.90 -24.93
C THR A 105 11.86 -7.31 -25.42
N LEU A 106 12.89 -6.97 -24.65
CA LEU A 106 14.25 -7.38 -24.99
C LEU A 106 14.52 -8.80 -24.51
N GLY A 107 13.55 -9.39 -23.83
CA GLY A 107 13.67 -10.75 -23.34
C GLY A 107 13.76 -10.88 -21.83
N GLY A 108 14.04 -9.76 -21.16
CA GLY A 108 14.24 -9.76 -19.74
C GLY A 108 12.98 -9.60 -18.90
N GLN A 109 13.16 -9.54 -17.58
CA GLN A 109 12.03 -9.37 -16.65
C GLN A 109 12.08 -7.99 -16.02
N ALA A 110 10.92 -7.43 -15.71
CA ALA A 110 10.84 -6.09 -15.12
C ALA A 110 9.77 -5.99 -14.04
N GLY A 111 10.07 -5.18 -13.02
CA GLY A 111 9.11 -4.89 -11.96
C GLY A 111 8.90 -3.39 -11.86
N LEU A 112 7.70 -2.98 -11.47
CA LEU A 112 7.38 -1.57 -11.39
C LEU A 112 6.88 -1.17 -10.00
N LEU A 113 7.72 -0.46 -9.26
CA LEU A 113 7.31 0.10 -7.97
C LEU A 113 6.88 1.55 -8.18
N CYS A 114 5.61 1.82 -7.93
CA CYS A 114 5.07 3.15 -8.16
C CYS A 114 3.78 3.37 -7.39
N VAL A 115 3.20 4.55 -7.56
CA VAL A 115 1.95 4.90 -6.90
C VAL A 115 0.88 5.27 -7.93
N VAL A 116 -0.27 4.62 -7.82
CA VAL A 116 -1.44 5.01 -8.60
C VAL A 116 -2.56 5.36 -7.63
N GLY A 117 -3.69 5.82 -8.17
CA GLY A 117 -4.83 6.14 -7.33
C GLY A 117 -5.89 5.07 -7.41
N CYS A 118 -6.96 5.22 -6.63
CA CYS A 118 -8.10 4.33 -6.69
C CYS A 118 -9.14 4.87 -7.66
N ASP A 119 -8.82 4.86 -8.95
CA ASP A 119 -9.70 5.39 -9.97
C ASP A 119 -9.63 4.61 -11.28
N GLU A 120 -10.30 5.14 -12.31
CA GLU A 120 -10.34 4.50 -13.62
C GLU A 120 -8.98 4.39 -14.32
N PRO A 121 -8.21 5.49 -14.39
CA PRO A 121 -6.90 5.33 -15.03
C PRO A 121 -5.98 4.41 -14.23
N GLY A 122 -6.19 4.33 -12.93
CA GLY A 122 -5.48 3.40 -12.08
C GLY A 122 -5.71 1.98 -12.55
N GLU A 123 -6.98 1.59 -12.63
CA GLU A 123 -7.38 0.29 -13.15
C GLU A 123 -6.80 0.05 -14.54
N ARG A 124 -6.76 1.09 -15.36
CA ARG A 124 -6.30 0.97 -16.73
C ARG A 124 -4.82 0.63 -16.81
N ILE A 125 -4.01 1.29 -15.98
CA ILE A 125 -2.58 1.02 -15.93
C ILE A 125 -2.33 -0.43 -15.52
N VAL A 126 -3.05 -0.87 -14.50
CA VAL A 126 -2.97 -2.25 -14.04
C VAL A 126 -3.23 -3.23 -15.18
N GLU A 127 -4.29 -2.98 -15.94
CA GLU A 127 -4.61 -3.80 -17.10
C GLU A 127 -3.52 -3.74 -18.16
N LEU A 128 -3.05 -2.52 -18.43
CA LEU A 128 -2.02 -2.32 -19.44
C LEU A 128 -0.68 -2.92 -19.03
N LEU A 129 -0.44 -2.99 -17.72
CA LEU A 129 0.78 -3.60 -17.20
C LEU A 129 0.73 -5.12 -17.34
N GLY A 130 -0.41 -5.70 -16.99
CA GLY A 130 -0.59 -7.14 -17.06
C GLY A 130 -0.45 -7.70 -18.46
N SER A 131 -0.78 -6.88 -19.45
CA SER A 131 -0.73 -7.30 -20.84
C SER A 131 0.55 -6.84 -21.54
N SER A 132 1.60 -6.64 -20.75
CA SER A 132 2.87 -6.18 -21.31
C SER A 132 4.07 -6.91 -20.69
N GLY A 133 3.78 -7.77 -19.73
CA GLY A 133 4.79 -8.63 -19.14
C GLY A 133 5.50 -8.03 -17.94
N VAL A 134 5.00 -6.90 -17.46
CA VAL A 134 5.61 -6.20 -16.35
C VAL A 134 4.95 -6.58 -15.03
N THR A 135 5.77 -7.02 -14.08
CA THR A 135 5.28 -7.35 -12.74
C THR A 135 4.99 -6.07 -11.97
N PRO A 136 3.72 -5.84 -11.64
CA PRO A 136 3.32 -4.61 -10.95
C PRO A 136 3.53 -4.67 -9.44
N HIS A 137 4.04 -3.57 -8.88
CA HIS A 137 4.18 -3.42 -7.44
C HIS A 137 3.67 -2.05 -7.06
N LEU A 138 2.38 -1.84 -7.22
CA LEU A 138 1.80 -0.50 -7.04
C LEU A 138 1.31 -0.26 -5.63
N GLU A 139 1.52 0.95 -5.14
CA GLU A 139 0.90 1.43 -3.93
C GLU A 139 -0.33 2.23 -4.34
N ARG A 140 -1.44 2.05 -3.64
CA ARG A 140 -2.67 2.76 -3.97
C ARG A 140 -2.93 3.88 -2.96
N ASP A 141 -3.22 5.07 -3.49
CA ASP A 141 -3.52 6.23 -2.67
C ASP A 141 -4.92 6.72 -3.07
N PRO A 142 -5.93 6.40 -2.26
CA PRO A 142 -7.32 6.75 -2.57
C PRO A 142 -7.54 8.26 -2.70
N ALA A 143 -6.62 9.03 -2.14
CA ALA A 143 -6.71 10.49 -2.20
C ALA A 143 -5.92 11.05 -3.39
N LEU A 144 -5.17 10.18 -4.06
CA LEU A 144 -4.35 10.60 -5.19
C LEU A 144 -5.04 10.28 -6.52
N PRO A 145 -5.04 11.26 -7.44
CA PRO A 145 -5.47 10.99 -8.81
C PRO A 145 -4.32 10.37 -9.60
N THR A 146 -4.58 9.26 -10.30
CA THR A 146 -3.58 8.64 -11.15
C THR A 146 -3.11 9.62 -12.19
N THR A 147 -1.79 9.80 -12.30
CA THR A 147 -1.21 10.75 -13.24
C THR A 147 -1.60 10.43 -14.67
N ILE A 148 -2.24 11.39 -15.34
CA ILE A 148 -2.62 11.21 -16.73
C ILE A 148 -2.43 12.51 -17.53
N LYS A 149 -1.82 12.39 -18.70
CA LYS A 149 -1.65 13.53 -19.60
CA LYS A 149 -1.66 13.54 -19.59
C LYS A 149 -2.60 13.38 -20.78
N LEU A 150 -3.67 14.16 -20.78
CA LEU A 150 -4.69 14.06 -21.83
C LEU A 150 -4.48 15.11 -22.90
N ARG A 151 -4.27 14.66 -24.14
CA ARG A 151 -4.19 15.56 -25.28
C ARG A 151 -5.50 15.58 -26.03
N VAL A 152 -6.03 16.78 -26.27
CA VAL A 152 -7.19 16.91 -27.14
C VAL A 152 -6.74 17.41 -28.51
N LEU A 153 -7.15 16.70 -29.56
CA LEU A 153 -6.73 17.02 -30.91
C LEU A 153 -7.91 17.10 -31.87
N ALA A 154 -7.74 17.92 -32.89
CA ALA A 154 -8.62 17.92 -34.05
C ALA A 154 -7.78 18.33 -35.25
N ARG A 155 -8.11 17.78 -36.42
CA ARG A 155 -7.38 18.08 -37.66
CA ARG A 155 -7.37 18.08 -37.65
C ARG A 155 -5.87 17.88 -37.51
N GLN A 156 -5.48 16.83 -36.76
CA GLN A 156 -4.08 16.49 -36.55
C GLN A 156 -3.30 17.64 -35.91
N GLN A 157 -3.92 18.26 -34.91
CA GLN A 157 -3.35 19.42 -34.25
C GLN A 157 -3.91 19.52 -32.84
N GLN A 158 -3.03 19.80 -31.88
CA GLN A 158 -3.46 19.90 -30.50
C GLN A 158 -4.23 21.19 -30.23
N LEU A 159 -5.23 21.09 -29.35
CA LEU A 159 -6.01 22.25 -28.98
C LEU A 159 -5.69 22.61 -27.54
N LEU A 160 -5.35 21.58 -26.76
CA LEU A 160 -5.19 21.72 -25.33
C LEU A 160 -4.55 20.48 -24.75
N ARG A 161 -3.79 20.63 -23.67
CA ARG A 161 -3.39 19.48 -22.88
C ARG A 161 -3.97 19.59 -21.47
N VAL A 162 -4.41 18.46 -20.94
CA VAL A 162 -5.03 18.42 -19.62
C VAL A 162 -4.30 17.44 -18.72
N ASP A 163 -3.81 17.91 -17.58
CA ASP A 163 -3.08 17.07 -16.63
C ASP A 163 -3.88 16.77 -15.37
N PHE A 164 -3.78 15.53 -14.91
CA PHE A 164 -4.26 15.17 -13.58
C PHE A 164 -3.09 14.61 -12.79
N GLU A 165 -2.76 15.24 -11.68
CA GLU A 165 -1.62 14.82 -10.87
C GLU A 165 -1.61 15.44 -9.47
N ALA A 166 -1.03 14.70 -8.52
CA ALA A 166 -0.91 15.21 -7.16
C ALA A 166 0.32 14.61 -6.49
N MET A 167 0.68 15.18 -5.35
CA MET A 167 1.76 14.65 -4.53
C MET A 167 1.24 13.52 -3.66
N PRO A 168 1.90 12.35 -3.75
CA PRO A 168 1.54 11.22 -2.88
C PRO A 168 1.63 11.62 -1.41
N THR A 169 0.79 11.05 -0.56
CA THR A 169 0.89 11.34 0.87
C THR A 169 2.18 10.74 1.46
N HIS A 170 2.66 11.34 2.54
CA HIS A 170 3.87 10.89 3.21
C HIS A 170 3.73 9.43 3.66
N GLU A 171 2.52 9.07 4.08
CA GLU A 171 2.21 7.71 4.50
C GLU A 171 2.44 6.71 3.37
N VAL A 172 1.92 7.04 2.20
CA VAL A 172 2.06 6.20 1.02
C VAL A 172 3.52 6.04 0.56
N LEU A 173 4.28 7.14 0.60
CA LEU A 173 5.66 7.11 0.16
C LEU A 173 6.52 6.20 1.03
N LEU A 174 6.27 6.21 2.34
CA LEU A 174 7.01 5.34 3.24
C LEU A 174 6.60 3.89 3.12
N ALA A 175 5.35 3.66 2.73
CA ALA A 175 4.88 2.31 2.44
C ALA A 175 5.67 1.74 1.27
N GLY A 176 5.79 2.54 0.21
CA GLY A 176 6.53 2.13 -0.97
C GLY A 176 7.98 1.84 -0.66
N LEU A 177 8.59 2.69 0.17
CA LEU A 177 9.98 2.53 0.57
C LEU A 177 10.19 1.20 1.28
N ALA A 178 9.19 0.78 2.06
CA ALA A 178 9.21 -0.53 2.70
C ALA A 178 9.16 -1.64 1.65
N ARG A 179 8.37 -1.44 0.60
CA ARG A 179 8.28 -2.42 -0.48
C ARG A 179 9.62 -2.55 -1.19
N PHE A 180 10.29 -1.42 -1.41
CA PHE A 180 11.60 -1.39 -2.04
C PHE A 180 12.61 -2.27 -1.29
N ASP A 181 12.53 -2.26 0.03
CA ASP A 181 13.38 -3.11 0.85
C ASP A 181 13.15 -4.57 0.52
N VAL A 182 11.88 -4.97 0.42
CA VAL A 182 11.52 -6.34 0.08
C VAL A 182 11.86 -6.69 -1.36
N LEU A 183 11.73 -5.72 -2.25
CA LEU A 183 11.90 -5.97 -3.68
C LEU A 183 13.36 -5.97 -4.13
N LEU A 184 14.19 -5.22 -3.42
CA LEU A 184 15.61 -5.10 -3.76
C LEU A 184 16.37 -6.42 -3.95
N PRO A 185 16.27 -7.36 -3.01
CA PRO A 185 17.04 -8.61 -3.17
C PRO A 185 16.60 -9.44 -4.37
N GLN A 186 15.37 -9.23 -4.82
CA GLN A 186 14.80 -10.02 -5.91
C GLN A 186 15.20 -9.51 -7.28
N HIS A 187 16.07 -8.50 -7.33
CA HIS A 187 16.45 -7.88 -8.59
C HIS A 187 17.96 -7.68 -8.74
N ASP A 188 18.39 -7.54 -9.99
CA ASP A 188 19.81 -7.42 -10.30
C ASP A 188 20.25 -5.97 -10.47
N VAL A 189 19.31 -5.10 -10.81
CA VAL A 189 19.60 -3.69 -11.05
C VAL A 189 18.34 -2.85 -10.88
N VAL A 190 18.49 -1.67 -10.30
CA VAL A 190 17.36 -0.78 -10.04
C VAL A 190 17.40 0.41 -11.00
N LEU A 191 16.24 0.77 -11.53
CA LEU A 191 16.15 1.91 -12.45
C LEU A 191 15.24 3.00 -11.88
N MET A 192 15.81 4.17 -11.64
CA MET A 192 15.06 5.30 -11.11
C MET A 192 14.53 6.19 -12.23
N SER A 193 13.23 6.08 -12.49
CA SER A 193 12.59 6.86 -13.54
C SER A 193 11.84 8.06 -12.96
N ASP A 194 12.49 9.23 -12.97
CA ASP A 194 11.92 10.43 -12.36
C ASP A 194 11.11 11.26 -13.35
N TYR A 195 9.96 11.73 -12.90
CA TYR A 195 9.12 12.63 -13.70
C TYR A 195 8.56 13.77 -12.86
N ALA A 196 9.15 13.97 -11.69
CA ALA A 196 8.82 15.09 -10.80
C ALA A 196 7.37 15.10 -10.33
N LYS A 197 6.81 13.90 -10.17
CA LYS A 197 5.41 13.78 -9.76
C LYS A 197 5.30 13.41 -8.27
N GLY A 198 6.42 13.07 -7.65
CA GLY A 198 6.45 12.80 -6.23
C GLY A 198 6.87 11.39 -5.85
N GLY A 199 6.91 10.49 -6.83
CA GLY A 199 7.28 9.11 -6.58
C GLY A 199 8.70 8.88 -6.09
N LEU A 200 9.63 9.73 -6.51
CA LEU A 200 11.02 9.57 -6.09
C LEU A 200 11.44 10.55 -5.00
N THR A 201 10.54 10.78 -4.05
CA THR A 201 10.82 11.65 -2.91
C THR A 201 11.93 11.05 -2.04
N HIS A 202 11.95 9.73 -1.94
CA HIS A 202 12.94 9.07 -1.10
C HIS A 202 14.02 8.38 -1.94
N VAL A 203 14.35 8.95 -3.09
CA VAL A 203 15.30 8.35 -4.01
C VAL A 203 16.73 8.25 -3.44
N THR A 204 17.16 9.25 -2.69
CA THR A 204 18.50 9.24 -2.10
C THR A 204 18.71 8.04 -1.17
N THR A 205 17.71 7.76 -0.35
CA THR A 205 17.72 6.60 0.53
C THR A 205 17.69 5.30 -0.27
N MET A 206 16.83 5.23 -1.28
CA MET A 206 16.72 4.04 -2.11
C MET A 206 18.04 3.72 -2.80
N ILE A 207 18.71 4.75 -3.31
CA ILE A 207 20.00 4.61 -3.95
C ILE A 207 21.07 4.05 -3.01
N GLU A 208 21.15 4.60 -1.80
CA GLU A 208 22.18 4.17 -0.87
C GLU A 208 21.94 2.75 -0.34
N LYS A 209 20.68 2.32 -0.32
CA LYS A 209 20.35 0.95 0.05
C LYS A 209 20.70 -0.02 -1.07
N ALA A 210 20.40 0.37 -2.30
CA ALA A 210 20.71 -0.46 -3.44
C ALA A 210 22.22 -0.64 -3.64
N ARG A 211 22.98 0.44 -3.48
CA ARG A 211 24.42 0.37 -3.66
C ARG A 211 25.07 -0.45 -2.55
N ALA A 212 24.46 -0.44 -1.37
CA ALA A 212 24.97 -1.20 -0.24
C ALA A 212 24.79 -2.70 -0.44
N ALA A 213 23.90 -3.08 -1.35
CA ALA A 213 23.65 -4.48 -1.65
C ALA A 213 24.36 -4.92 -2.93
N GLY A 214 25.23 -4.05 -3.45
CA GLY A 214 25.96 -4.36 -4.66
C GLY A 214 25.12 -4.35 -5.92
N LYS A 215 24.01 -3.61 -5.89
CA LYS A 215 23.14 -3.49 -7.04
C LYS A 215 23.35 -2.14 -7.73
N ALA A 216 23.41 -2.15 -9.05
CA ALA A 216 23.57 -0.91 -9.81
C ALA A 216 22.32 -0.04 -9.69
N VAL A 217 22.51 1.27 -9.71
CA VAL A 217 21.38 2.20 -9.67
C VAL A 217 21.44 3.16 -10.85
N LEU A 218 20.51 3.00 -11.78
CA LEU A 218 20.45 3.87 -12.94
C LEU A 218 19.42 4.98 -12.69
N VAL A 219 19.73 6.19 -13.12
CA VAL A 219 18.80 7.31 -12.94
C VAL A 219 18.49 8.04 -14.23
N ASP A 220 17.20 8.07 -14.57
CA ASP A 220 16.71 8.92 -15.65
C ASP A 220 16.29 10.25 -15.02
N PRO A 221 17.08 11.30 -15.25
CA PRO A 221 16.98 12.57 -14.52
C PRO A 221 15.70 13.34 -14.80
N LYS A 222 15.45 14.35 -13.96
CA LYS A 222 14.32 15.25 -14.14
C LYS A 222 14.56 16.52 -13.32
N GLY A 223 14.91 17.61 -14.01
CA GLY A 223 15.10 18.89 -13.36
C GLY A 223 16.56 19.33 -13.23
N ASP A 224 16.79 20.39 -12.45
CA ASP A 224 18.12 20.93 -12.25
C ASP A 224 18.75 20.52 -10.92
N ASP A 225 17.95 19.93 -10.04
CA ASP A 225 18.45 19.42 -8.76
C ASP A 225 18.78 17.94 -8.87
N TRP A 226 20.07 17.62 -8.86
CA TRP A 226 20.51 16.24 -8.97
C TRP A 226 21.19 15.78 -7.69
N ALA A 227 21.19 16.65 -6.68
CA ALA A 227 21.78 16.34 -5.39
C ALA A 227 21.12 15.11 -4.78
N ARG A 228 19.86 14.87 -5.15
CA ARG A 228 19.12 13.73 -4.66
CA ARG A 228 19.13 13.72 -4.65
C ARG A 228 19.55 12.43 -5.31
N TYR A 229 20.25 12.53 -6.44
CA TYR A 229 20.68 11.35 -7.16
C TYR A 229 22.03 10.87 -6.66
N ARG A 230 22.50 11.52 -5.60
CA ARG A 230 23.81 11.21 -5.00
CA ARG A 230 23.81 11.21 -5.00
C ARG A 230 24.03 9.72 -4.76
N GLY A 231 25.17 9.20 -5.22
CA GLY A 231 25.53 7.82 -5.02
C GLY A 231 25.14 6.87 -6.15
N ALA A 232 24.51 7.42 -7.18
CA ALA A 232 24.02 6.60 -8.30
C ALA A 232 25.15 6.04 -9.16
N SER A 233 24.92 4.87 -9.73
CA SER A 233 25.90 4.22 -10.60
C SER A 233 26.03 5.00 -11.91
N LEU A 234 24.92 5.16 -12.60
CA LEU A 234 24.88 5.85 -13.89
C LEU A 234 23.71 6.82 -13.94
N ILE A 235 23.94 7.99 -14.52
CA ILE A 235 22.86 8.95 -14.72
C ILE A 235 22.79 9.32 -16.21
N THR A 236 21.58 9.40 -16.75
CA THR A 236 21.41 9.48 -18.21
C THR A 236 20.63 10.70 -18.70
N PRO A 237 21.25 11.88 -18.68
CA PRO A 237 20.58 13.06 -19.22
C PRO A 237 20.87 13.24 -20.70
N ASN A 238 20.14 14.15 -21.35
CA ASN A 238 20.49 14.56 -22.71
C ASN A 238 21.25 15.86 -22.65
N ARG A 239 21.54 16.43 -23.82
CA ARG A 239 22.29 17.68 -23.88
C ARG A 239 21.55 18.82 -23.18
N ALA A 240 20.26 18.95 -23.45
CA ALA A 240 19.45 20.00 -22.83
C ALA A 240 19.39 19.85 -21.31
N GLU A 241 19.15 18.63 -20.85
CA GLU A 241 19.09 18.35 -19.42
C GLU A 241 20.40 18.61 -18.71
N LEU A 242 21.51 18.31 -19.38
CA LEU A 242 22.83 18.46 -18.77
C LEU A 242 23.17 19.92 -18.49
N ARG A 243 22.75 20.80 -19.39
CA ARG A 243 23.05 22.23 -19.30
C ARG A 243 22.60 22.86 -17.99
N GLU A 244 21.29 22.86 -17.75
CA GLU A 244 20.69 23.51 -16.59
C GLU A 244 21.38 23.19 -15.26
N VAL A 245 22.09 22.07 -15.22
CA VAL A 245 22.86 21.69 -14.04
C VAL A 245 24.29 22.20 -14.16
N VAL A 246 24.87 22.05 -15.34
CA VAL A 246 26.29 22.27 -15.54
C VAL A 246 26.60 23.51 -16.39
N GLY A 247 25.57 24.08 -17.01
CA GLY A 247 25.73 25.25 -17.83
C GLY A 247 26.12 24.90 -19.25
N GLN A 248 26.37 25.91 -20.07
CA GLN A 248 26.83 25.67 -21.44
C GLN A 248 28.36 25.58 -21.53
N TRP A 249 28.82 24.84 -22.52
CA TRP A 249 30.25 24.54 -22.67
C TRP A 249 30.72 24.80 -24.09
N LYS A 250 32.04 24.65 -24.34
CA LYS A 250 32.64 25.03 -25.62
C LYS A 250 33.56 24.02 -26.36
N SER A 251 33.89 22.88 -25.73
CA SER A 251 34.80 21.88 -26.29
C SER A 251 34.67 20.55 -25.52
N GLU A 252 34.78 19.43 -26.23
CA GLU A 252 34.63 18.13 -25.58
C GLU A 252 35.59 17.99 -24.40
N ASP A 253 36.52 18.93 -24.30
CA ASP A 253 37.50 18.91 -23.23
C ASP A 253 36.94 19.76 -22.10
N ASP A 254 36.11 20.73 -22.45
CA ASP A 254 35.41 21.55 -21.47
C ASP A 254 34.25 20.75 -20.87
N LEU A 255 33.45 20.16 -21.75
CA LEU A 255 32.37 19.26 -21.33
C LEU A 255 32.94 18.09 -20.55
N ARG A 256 34.12 17.63 -20.96
CA ARG A 256 34.77 16.49 -20.32
C ARG A 256 35.01 16.73 -18.83
N ALA A 257 35.64 17.86 -18.51
CA ALA A 257 35.92 18.20 -17.12
C ALA A 257 34.68 18.70 -16.38
N ARG A 258 33.75 19.30 -17.12
CA ARG A 258 32.49 19.77 -16.55
C ARG A 258 31.67 18.61 -16.04
N VAL A 259 31.88 17.44 -16.63
CA VAL A 259 31.20 16.23 -16.21
C VAL A 259 31.98 15.57 -15.07
N ALA A 260 33.31 15.63 -15.16
CA ALA A 260 34.18 14.99 -14.18
C ALA A 260 33.93 15.46 -12.75
N ASN A 261 33.82 16.77 -12.54
CA ASN A 261 33.57 17.30 -11.21
C ASN A 261 32.15 17.06 -10.72
N LEU A 262 31.21 17.08 -11.64
CA LEU A 262 29.80 16.84 -11.34
C LEU A 262 29.61 15.41 -10.84
N ARG A 263 30.37 14.50 -11.42
CA ARG A 263 30.40 13.11 -10.99
C ARG A 263 31.11 12.99 -9.65
N ALA A 264 32.06 13.89 -9.40
CA ALA A 264 32.91 13.82 -8.21
C ALA A 264 32.23 14.39 -6.98
N GLU A 265 31.25 15.27 -7.17
CA GLU A 265 30.57 15.91 -6.06
C GLU A 265 29.22 15.29 -5.78
N LEU A 266 28.92 14.19 -6.46
CA LEU A 266 27.62 13.55 -6.36
C LEU A 266 27.71 12.03 -6.10
N ASP A 267 28.90 11.54 -5.79
CA ASP A 267 29.17 10.10 -5.69
C ASP A 267 28.59 9.30 -6.85
N ILE A 268 28.50 9.95 -8.02
CA ILE A 268 28.01 9.32 -9.24
C ILE A 268 29.18 8.77 -10.07
N ASP A 269 29.16 7.46 -10.31
CA ASP A 269 30.28 6.78 -10.94
C ASP A 269 30.40 7.03 -12.45
N ALA A 270 29.27 7.19 -13.13
CA ALA A 270 29.28 7.40 -14.58
C ALA A 270 28.10 8.22 -15.09
N LEU A 271 28.33 8.93 -16.19
CA LEU A 271 27.26 9.70 -16.82
C LEU A 271 27.18 9.31 -18.29
N LEU A 272 25.97 8.98 -18.74
CA LEU A 272 25.73 8.66 -20.15
C LEU A 272 24.99 9.81 -20.81
N LEU A 273 25.72 10.60 -21.58
CA LEU A 273 25.17 11.78 -22.23
C LEU A 273 24.66 11.42 -23.62
N THR A 274 23.35 11.53 -23.82
CA THR A 274 22.74 11.31 -25.12
C THR A 274 22.73 12.62 -25.89
N ARG A 275 23.13 12.57 -27.16
CA ARG A 275 23.34 13.79 -27.95
C ARG A 275 22.58 13.80 -29.27
N SER A 276 21.58 12.94 -29.38
CA SER A 276 20.78 12.81 -30.61
C SER A 276 21.74 12.54 -31.77
N GLU A 277 21.66 13.35 -32.81
CA GLU A 277 22.47 13.16 -34.01
C GLU A 277 23.94 12.79 -33.77
N GLU A 278 24.50 13.31 -32.67
CA GLU A 278 25.91 13.07 -32.35
C GLU A 278 26.12 11.76 -31.60
N GLY A 279 25.04 11.07 -31.25
CA GLY A 279 25.13 9.78 -30.60
C GLY A 279 25.12 9.83 -29.09
N MET A 280 25.94 8.99 -28.47
CA MET A 280 26.06 8.96 -27.02
C MET A 280 27.51 9.10 -26.59
N THR A 281 27.71 9.43 -25.32
CA THR A 281 29.04 9.47 -24.73
C THR A 281 28.98 8.98 -23.29
N LEU A 282 29.71 7.91 -23.00
CA LEU A 282 29.79 7.36 -21.66
C LEU A 282 31.01 7.87 -20.93
N PHE A 283 30.80 8.70 -19.90
CA PHE A 283 31.90 9.22 -19.09
C PHE A 283 32.07 8.35 -17.85
N SER A 284 32.93 7.34 -17.98
CA SER A 284 33.26 6.44 -16.89
C SER A 284 34.70 6.75 -16.51
N ALA A 285 34.98 6.83 -15.22
CA ALA A 285 36.27 7.35 -14.77
C ALA A 285 37.52 6.57 -15.24
N GLY A 286 37.33 5.51 -16.00
CA GLY A 286 38.42 4.68 -16.50
C GLY A 286 38.58 5.11 -17.95
N GLY A 287 37.63 5.88 -18.45
CA GLY A 287 37.72 6.41 -19.80
C GLY A 287 36.40 6.89 -20.35
N GLU A 288 36.35 7.06 -21.68
CA GLU A 288 35.15 7.51 -22.35
C GLU A 288 34.85 6.61 -23.54
N LEU A 289 33.58 6.62 -23.95
CA LEU A 289 33.15 5.80 -25.07
C LEU A 289 32.06 6.50 -25.87
N HIS A 290 32.31 6.70 -27.16
CA HIS A 290 31.34 7.35 -28.03
C HIS A 290 30.66 6.35 -28.95
N ALA A 291 29.37 6.56 -29.22
CA ALA A 291 28.62 5.70 -30.12
C ALA A 291 27.69 6.52 -31.03
N PRO A 292 28.00 6.58 -32.34
CA PRO A 292 27.22 7.38 -33.29
C PRO A 292 25.86 6.74 -33.60
N ALA A 293 24.96 7.52 -34.22
CA ALA A 293 23.64 7.01 -34.56
C ALA A 293 23.67 6.04 -35.73
N LEU A 294 22.56 5.35 -35.96
CA LEU A 294 22.40 4.46 -37.11
C LEU A 294 20.94 4.41 -37.58
N ALA A 295 20.57 5.37 -38.43
CA ALA A 295 19.22 5.44 -38.96
C ALA A 295 19.18 6.03 -40.38
N VAL A 301 11.08 9.16 -32.88
CA VAL A 301 12.04 9.84 -32.03
C VAL A 301 11.63 9.78 -30.57
N SER A 302 10.32 9.76 -30.33
CA SER A 302 9.78 9.77 -28.97
C SER A 302 10.04 8.45 -28.23
N GLY A 303 10.09 8.52 -26.90
CA GLY A 303 10.25 7.33 -26.07
C GLY A 303 11.58 6.63 -26.28
N ALA A 304 12.53 7.32 -26.90
CA ALA A 304 13.84 6.75 -27.16
C ALA A 304 14.71 6.81 -25.91
N GLY A 305 14.50 7.84 -25.10
CA GLY A 305 15.22 7.98 -23.86
C GLY A 305 14.86 6.85 -22.91
N ASP A 306 13.59 6.48 -22.92
CA ASP A 306 13.11 5.35 -22.12
C ASP A 306 13.73 4.06 -22.62
N THR A 307 13.89 3.95 -23.93
CA THR A 307 14.41 2.74 -24.54
C THR A 307 15.90 2.53 -24.25
N VAL A 308 16.68 3.60 -24.24
CA VAL A 308 18.12 3.48 -24.02
C VAL A 308 18.49 3.10 -22.59
N ILE A 309 17.84 3.72 -21.60
CA ILE A 309 18.16 3.43 -20.20
C ILE A 309 17.60 2.08 -19.78
N ALA A 310 16.52 1.66 -20.44
CA ALA A 310 15.93 0.35 -20.17
C ALA A 310 16.86 -0.74 -20.69
N THR A 311 17.44 -0.49 -21.86
CA THR A 311 18.35 -1.43 -22.49
C THR A 311 19.62 -1.60 -21.66
N VAL A 312 20.20 -0.49 -21.22
CA VAL A 312 21.39 -0.54 -20.38
C VAL A 312 21.10 -1.32 -19.10
N ALA A 313 19.97 -1.02 -18.48
CA ALA A 313 19.57 -1.69 -17.25
C ALA A 313 19.39 -3.20 -17.43
N THR A 314 18.61 -3.60 -18.44
CA THR A 314 18.34 -5.01 -18.64
C THR A 314 19.61 -5.78 -19.02
N MET A 315 20.55 -5.10 -19.68
CA MET A 315 21.83 -5.73 -20.04
C MET A 315 22.68 -5.99 -18.81
N LEU A 316 22.93 -4.95 -18.01
CA LEU A 316 23.71 -5.09 -16.78
C LEU A 316 23.17 -6.21 -15.89
N GLY A 317 21.85 -6.34 -15.83
CA GLY A 317 21.22 -7.41 -15.08
C GLY A 317 21.53 -8.77 -15.65
N ALA A 318 21.75 -8.82 -16.96
CA ALA A 318 22.09 -10.07 -17.64
C ALA A 318 23.56 -10.41 -17.49
N GLY A 319 24.31 -9.50 -16.86
CA GLY A 319 25.71 -9.73 -16.57
C GLY A 319 26.65 -9.27 -17.67
N VAL A 320 26.14 -8.51 -18.64
CA VAL A 320 27.00 -7.98 -19.69
C VAL A 320 27.64 -6.65 -19.24
N PRO A 321 28.92 -6.45 -19.57
CA PRO A 321 29.71 -5.27 -19.23
C PRO A 321 29.02 -3.96 -19.60
N LEU A 322 29.47 -2.87 -19.00
CA LEU A 322 28.85 -1.56 -19.19
C LEU A 322 28.97 -1.02 -20.61
N VAL A 323 30.20 -0.95 -21.12
CA VAL A 323 30.44 -0.42 -22.47
C VAL A 323 29.67 -1.19 -23.55
N ASP A 324 29.60 -2.51 -23.40
CA ASP A 324 28.78 -3.32 -24.29
C ASP A 324 27.30 -2.98 -24.15
N ALA A 325 26.87 -2.73 -22.91
CA ALA A 325 25.48 -2.39 -22.63
C ALA A 325 25.12 -1.06 -23.27
N VAL A 326 26.06 -0.12 -23.26
CA VAL A 326 25.85 1.19 -23.85
C VAL A 326 25.84 1.10 -25.37
N VAL A 327 26.72 0.28 -25.92
CA VAL A 327 26.75 0.03 -27.36
C VAL A 327 25.40 -0.48 -27.84
N LEU A 328 24.86 -1.48 -27.14
CA LEU A 328 23.57 -2.07 -27.51
C LEU A 328 22.43 -1.04 -27.40
N ALA A 329 22.55 -0.15 -26.42
CA ALA A 329 21.56 0.90 -26.21
C ALA A 329 21.50 1.86 -27.41
N ASN A 330 22.58 1.90 -28.18
CA ASN A 330 22.62 2.74 -29.36
C ASN A 330 21.84 2.14 -30.51
N ARG A 331 21.95 0.82 -30.67
CA ARG A 331 21.25 0.11 -31.73
C ARG A 331 19.75 0.11 -31.45
N ALA A 332 19.42 -0.08 -30.17
CA ALA A 332 18.03 -0.03 -29.73
C ALA A 332 17.47 1.36 -29.99
N ALA A 333 18.31 2.37 -29.82
CA ALA A 333 17.94 3.75 -30.07
C ALA A 333 17.71 4.01 -31.56
N GLY A 334 18.59 3.46 -32.39
CA GLY A 334 18.51 3.66 -33.83
C GLY A 334 17.29 3.01 -34.44
N ILE A 335 16.60 2.18 -33.67
CA ILE A 335 15.43 1.46 -34.17
C ILE A 335 14.08 2.10 -33.80
N VAL A 336 13.88 2.39 -32.52
CA VAL A 336 12.62 3.00 -32.07
C VAL A 336 12.37 4.37 -32.69
N VAL A 337 13.42 4.98 -33.23
CA VAL A 337 13.25 6.24 -33.93
C VAL A 337 12.78 5.95 -35.36
N GLY A 338 12.74 4.66 -35.72
CA GLY A 338 12.29 4.26 -37.04
C GLY A 338 10.88 3.72 -37.07
N LYS A 339 10.23 3.75 -35.90
CA LYS A 339 8.86 3.25 -35.77
C LYS A 339 7.89 4.38 -35.42
N THR A 342 5.14 5.59 -29.56
CA THR A 342 6.20 4.88 -28.84
C THR A 342 6.44 3.51 -29.48
N ALA A 343 7.57 2.90 -29.14
CA ALA A 343 7.89 1.58 -29.65
C ALA A 343 8.78 0.79 -28.69
N THR A 344 8.76 -0.53 -28.84
CA THR A 344 9.54 -1.42 -27.98
C THR A 344 10.34 -2.42 -28.82
N VAL A 345 11.66 -2.24 -28.83
CA VAL A 345 12.55 -3.12 -29.60
C VAL A 345 12.50 -4.56 -29.08
N ASP A 346 12.33 -5.50 -30.01
CA ASP A 346 12.26 -6.91 -29.65
C ASP A 346 13.66 -7.54 -29.65
N TYR A 347 13.74 -8.77 -29.17
CA TYR A 347 15.02 -9.47 -29.11
C TYR A 347 15.54 -9.79 -30.50
N ASP A 348 14.62 -10.04 -31.43
CA ASP A 348 14.96 -10.46 -32.78
C ASP A 348 15.64 -9.34 -33.59
N GLU A 349 15.29 -8.10 -33.29
CA GLU A 349 15.76 -6.95 -34.04
C GLU A 349 17.11 -6.44 -33.54
N LEU A 350 17.30 -6.49 -32.23
CA LEU A 350 18.52 -5.97 -31.62
C LEU A 350 19.78 -6.72 -32.04
N PHE A 351 19.67 -8.04 -32.18
CA PHE A 351 20.82 -8.85 -32.55
C PHE A 351 20.64 -9.43 -33.95
N VAL B 43 -18.22 6.80 38.97
CA VAL B 43 -18.76 7.09 37.64
C VAL B 43 -19.06 8.57 37.45
N VAL B 44 -18.48 9.16 36.40
CA VAL B 44 -18.79 10.53 36.02
C VAL B 44 -18.91 10.63 34.50
N PRO B 45 -19.91 11.37 34.02
CA PRO B 45 -20.07 11.57 32.58
C PRO B 45 -18.90 12.34 31.98
N VAL B 46 -18.47 11.91 30.79
CA VAL B 46 -17.37 12.55 30.08
C VAL B 46 -17.92 13.45 28.96
N PRO B 47 -17.51 14.72 28.95
CA PRO B 47 -17.94 15.68 27.91
C PRO B 47 -17.70 15.16 26.50
N ARG B 48 -18.68 15.29 25.63
CA ARG B 48 -18.55 14.80 24.26
C ARG B 48 -17.50 15.59 23.47
N GLU B 49 -17.05 16.71 24.04
CA GLU B 49 -15.97 17.49 23.46
C GLU B 49 -14.62 16.91 23.89
N GLN B 50 -14.57 16.34 25.09
CA GLN B 50 -13.34 15.75 25.61
C GLN B 50 -12.97 14.47 24.86
N LEU B 51 -13.98 13.66 24.54
CA LEU B 51 -13.74 12.41 23.85
C LEU B 51 -13.92 12.56 22.34
N ALA B 52 -14.24 13.77 21.89
CA ALA B 52 -14.26 14.08 20.47
C ALA B 52 -12.83 14.08 19.93
N ARG B 53 -11.88 14.43 20.79
CA ARG B 53 -10.49 14.47 20.39
C ARG B 53 -9.75 13.20 20.83
N SER B 54 -10.48 12.10 20.91
CA SER B 54 -9.90 10.78 21.17
C SER B 54 -9.73 10.03 19.85
N ARG B 55 -8.49 9.90 19.39
CA ARG B 55 -8.22 9.20 18.14
C ARG B 55 -7.63 7.82 18.38
N VAL B 56 -8.40 6.79 18.05
CA VAL B 56 -7.93 5.42 18.20
C VAL B 56 -7.46 4.85 16.87
N LEU B 57 -6.26 4.29 16.86
CA LEU B 57 -5.76 3.60 15.68
C LEU B 57 -6.02 2.11 15.80
N VAL B 58 -6.93 1.60 14.99
CA VAL B 58 -7.26 0.18 15.01
C VAL B 58 -6.42 -0.56 13.98
N VAL B 59 -5.66 -1.55 14.44
CA VAL B 59 -4.84 -2.33 13.54
C VAL B 59 -5.25 -3.79 13.65
N GLY B 60 -5.50 -4.43 12.51
CA GLY B 60 -5.87 -5.83 12.52
C GLY B 60 -6.50 -6.37 11.26
N ASP B 61 -7.04 -7.59 11.39
CA ASP B 61 -7.65 -8.28 10.27
C ASP B 61 -9.08 -7.79 10.05
N VAL B 62 -9.34 -7.31 8.83
CA VAL B 62 -10.64 -6.76 8.48
C VAL B 62 -11.36 -7.76 7.58
N MET B 63 -12.69 -7.79 7.68
CA MET B 63 -13.45 -8.74 6.88
C MET B 63 -14.90 -8.32 6.70
N LEU B 64 -15.52 -8.86 5.67
CA LEU B 64 -16.92 -8.61 5.38
C LEU B 64 -17.75 -9.84 5.74
N ASP B 65 -18.75 -9.64 6.60
CA ASP B 65 -19.70 -10.70 6.92
C ASP B 65 -20.88 -10.58 5.98
N ARG B 66 -21.10 -11.61 5.17
CA ARG B 66 -22.16 -11.56 4.17
C ARG B 66 -23.18 -12.69 4.33
N TYR B 67 -24.45 -12.34 4.19
CA TYR B 67 -25.53 -13.29 4.37
C TYR B 67 -26.39 -13.38 3.10
N TRP B 68 -26.71 -14.61 2.70
CA TRP B 68 -27.63 -14.85 1.60
C TRP B 68 -28.86 -15.59 2.11
N PHE B 69 -30.03 -14.99 1.92
CA PHE B 69 -31.28 -15.61 2.33
C PHE B 69 -32.06 -16.08 1.11
N GLY B 70 -32.41 -17.35 1.07
CA GLY B 70 -33.15 -17.88 -0.06
C GLY B 70 -34.22 -18.90 0.26
N ASN B 71 -34.83 -19.46 -0.80
CA ASN B 71 -35.81 -20.52 -0.65
C ASN B 71 -35.23 -21.85 -1.09
N VAL B 72 -35.61 -22.93 -0.42
CA VAL B 72 -35.23 -24.26 -0.84
C VAL B 72 -36.49 -25.06 -1.15
N ASP B 73 -36.65 -25.40 -2.42
CA ASP B 73 -37.86 -26.08 -2.87
C ASP B 73 -37.53 -27.44 -3.49
N ARG B 74 -36.37 -27.53 -4.14
CA ARG B 74 -36.03 -28.72 -4.91
C ARG B 74 -34.62 -29.24 -4.67
N ILE B 75 -34.37 -30.46 -5.14
CA ILE B 75 -33.04 -31.05 -5.12
C ILE B 75 -32.39 -30.84 -6.48
N SER B 76 -31.08 -30.60 -6.49
CA SER B 76 -30.33 -30.45 -7.73
C SER B 76 -30.37 -31.74 -8.57
N PRO B 77 -30.47 -31.59 -9.89
CA PRO B 77 -30.46 -32.72 -10.83
C PRO B 77 -29.05 -33.30 -10.99
N GLU B 78 -28.06 -32.58 -10.48
CA GLU B 78 -26.66 -32.99 -10.63
C GLU B 78 -26.14 -33.73 -9.41
N ALA B 79 -26.73 -33.46 -8.25
CA ALA B 79 -26.25 -34.02 -7.00
C ALA B 79 -27.36 -34.02 -5.96
N PRO B 80 -27.26 -34.92 -4.97
CA PRO B 80 -28.28 -34.96 -3.91
C PRO B 80 -28.11 -33.84 -2.90
N VAL B 81 -28.10 -32.59 -3.38
CA VAL B 81 -27.96 -31.43 -2.51
C VAL B 81 -29.07 -30.41 -2.76
N PRO B 82 -29.44 -29.64 -1.72
CA PRO B 82 -30.47 -28.62 -1.89
C PRO B 82 -30.08 -27.56 -2.92
N VAL B 83 -31.09 -27.00 -3.59
CA VAL B 83 -30.92 -25.82 -4.40
C VAL B 83 -31.52 -24.65 -3.63
N VAL B 84 -30.70 -23.64 -3.35
CA VAL B 84 -31.18 -22.47 -2.63
C VAL B 84 -31.31 -21.28 -3.57
N HIS B 85 -32.55 -20.80 -3.70
CA HIS B 85 -32.89 -19.67 -4.57
C HIS B 85 -32.83 -18.39 -3.76
N VAL B 86 -31.76 -17.62 -3.93
CA VAL B 86 -31.53 -16.42 -3.13
C VAL B 86 -32.47 -15.27 -3.42
N GLN B 87 -33.10 -14.74 -2.37
CA GLN B 87 -34.03 -13.64 -2.50
C GLN B 87 -33.40 -12.32 -2.09
N ARG B 88 -32.59 -12.32 -1.03
CA ARG B 88 -31.99 -11.09 -0.53
CA ARG B 88 -31.99 -11.09 -0.53
C ARG B 88 -30.61 -11.31 0.07
N GLN B 89 -29.83 -10.24 0.16
CA GLN B 89 -28.49 -10.29 0.71
C GLN B 89 -28.28 -9.21 1.77
N GLU B 90 -27.63 -9.57 2.85
CA GLU B 90 -27.24 -8.59 3.86
C GLU B 90 -25.74 -8.69 4.14
N GLU B 91 -25.19 -7.63 4.72
CA GLU B 91 -23.75 -7.55 4.99
C GLU B 91 -23.39 -6.45 5.98
N ARG B 92 -22.32 -6.68 6.74
CA ARG B 92 -21.80 -5.64 7.63
C ARG B 92 -20.29 -5.77 7.81
N LEU B 93 -19.69 -4.83 8.54
CA LEU B 93 -18.25 -4.86 8.79
C LEU B 93 -17.90 -5.86 9.89
N GLY B 94 -16.89 -6.67 9.63
CA GLY B 94 -16.43 -7.65 10.60
C GLY B 94 -14.98 -7.47 10.93
N GLY B 95 -14.47 -8.28 11.85
CA GLY B 95 -13.08 -8.20 12.25
C GLY B 95 -12.77 -6.85 12.86
N ALA B 96 -11.56 -6.36 12.60
CA ALA B 96 -11.12 -5.09 13.16
C ALA B 96 -11.99 -3.92 12.75
N ALA B 97 -12.72 -4.08 11.65
CA ALA B 97 -13.60 -3.03 11.14
C ALA B 97 -14.77 -2.75 12.07
N ASN B 98 -15.31 -3.81 12.67
CA ASN B 98 -16.41 -3.63 13.60
C ASN B 98 -15.93 -3.01 14.90
N VAL B 99 -14.68 -3.30 15.25
CA VAL B 99 -14.09 -2.68 16.43
C VAL B 99 -13.95 -1.18 16.21
N ALA B 100 -13.41 -0.81 15.05
CA ALA B 100 -13.24 0.60 14.68
C ALA B 100 -14.58 1.33 14.67
N ARG B 101 -15.63 0.62 14.28
CA ARG B 101 -16.99 1.17 14.25
C ARG B 101 -17.47 1.64 15.62
N ASN B 102 -17.17 0.88 16.66
CA ASN B 102 -17.65 1.18 18.00
C ASN B 102 -17.05 2.46 18.57
N ALA B 103 -15.84 2.78 18.14
CA ALA B 103 -15.13 3.95 18.66
C ALA B 103 -15.77 5.25 18.21
N VAL B 104 -16.36 5.25 17.02
CA VAL B 104 -16.89 6.48 16.44
C VAL B 104 -18.29 6.83 16.94
N THR B 105 -19.05 5.80 17.33
CA THR B 105 -20.42 5.98 17.76
C THR B 105 -20.49 6.49 19.19
N LEU B 106 -19.43 6.25 19.94
CA LEU B 106 -19.33 6.77 21.29
C LEU B 106 -19.05 8.26 21.24
N GLY B 107 -18.58 8.72 20.08
CA GLY B 107 -18.32 10.13 19.85
C GLY B 107 -16.87 10.43 19.56
N GLY B 108 -16.07 9.40 19.36
CA GLY B 108 -14.64 9.57 19.12
C GLY B 108 -14.23 9.31 17.69
N GLN B 109 -12.95 9.49 17.39
CA GLN B 109 -12.42 9.25 16.06
C GLN B 109 -11.73 7.89 16.02
N ALA B 110 -11.61 7.32 14.83
CA ALA B 110 -10.97 6.02 14.68
C ALA B 110 -10.40 5.79 13.29
N GLY B 111 -9.11 5.47 13.25
CA GLY B 111 -8.45 5.07 12.02
C GLY B 111 -8.36 3.56 11.98
N LEU B 112 -8.22 3.00 10.79
CA LEU B 112 -8.13 1.56 10.65
C LEU B 112 -6.98 1.18 9.72
N LEU B 113 -6.01 0.47 10.27
CA LEU B 113 -4.89 -0.01 9.47
C LEU B 113 -5.05 -1.51 9.23
N CYS B 114 -5.13 -1.90 7.96
CA CYS B 114 -5.38 -3.28 7.61
C CYS B 114 -5.03 -3.56 6.16
N VAL B 115 -5.30 -4.78 5.72
CA VAL B 115 -5.01 -5.19 4.36
C VAL B 115 -6.27 -5.75 3.71
N VAL B 116 -6.60 -5.24 2.53
CA VAL B 116 -7.68 -5.80 1.72
C VAL B 116 -7.15 -6.12 0.33
N GLY B 117 -7.97 -6.79 -0.48
CA GLY B 117 -7.60 -7.06 -1.85
C GLY B 117 -8.17 -6.05 -2.82
N CYS B 118 -7.89 -6.26 -4.11
CA CYS B 118 -8.44 -5.42 -5.16
C CYS B 118 -9.65 -6.10 -5.76
N ASP B 119 -10.66 -6.35 -4.94
CA ASP B 119 -11.87 -7.04 -5.37
C ASP B 119 -13.12 -6.29 -4.93
N GLU B 120 -14.27 -6.91 -5.14
CA GLU B 120 -15.56 -6.34 -4.76
C GLU B 120 -15.76 -6.18 -3.25
N PRO B 121 -15.40 -7.21 -2.45
CA PRO B 121 -15.52 -7.00 -1.01
C PRO B 121 -14.60 -5.90 -0.50
N GLY B 122 -13.49 -5.69 -1.21
CA GLY B 122 -12.62 -4.57 -0.94
C GLY B 122 -13.38 -3.26 -1.08
N GLU B 123 -13.94 -3.04 -2.27
CA GLU B 123 -14.73 -1.85 -2.56
C GLU B 123 -15.85 -1.66 -1.54
N ARG B 124 -16.50 -2.76 -1.19
CA ARG B 124 -17.63 -2.72 -0.27
C ARG B 124 -17.22 -2.30 1.14
N ILE B 125 -16.11 -2.85 1.62
CA ILE B 125 -15.60 -2.47 2.94
C ILE B 125 -15.28 -0.98 2.96
N VAL B 126 -14.60 -0.50 1.92
CA VAL B 126 -14.30 0.92 1.79
C VAL B 126 -15.56 1.78 1.91
N GLU B 127 -16.62 1.41 1.20
CA GLU B 127 -17.89 2.14 1.27
C GLU B 127 -18.49 2.10 2.67
N LEU B 128 -18.50 0.91 3.28
CA LEU B 128 -19.06 0.74 4.61
C LEU B 128 -18.27 1.51 5.68
N LEU B 129 -16.96 1.57 5.52
CA LEU B 129 -16.08 2.33 6.42
C LEU B 129 -16.36 3.83 6.33
N GLY B 130 -16.47 4.32 5.09
CA GLY B 130 -16.75 5.72 4.86
C GLY B 130 -18.10 6.13 5.42
N SER B 131 -19.10 5.26 5.26
CA SER B 131 -20.43 5.54 5.77
C SER B 131 -20.56 5.13 7.24
N SER B 132 -19.45 5.19 7.97
CA SER B 132 -19.44 4.87 9.39
C SER B 132 -18.58 5.84 10.19
N GLY B 133 -17.81 6.68 9.50
CA GLY B 133 -16.97 7.67 10.16
C GLY B 133 -15.63 7.12 10.56
N VAL B 134 -15.32 5.92 10.10
CA VAL B 134 -13.99 5.35 10.33
C VAL B 134 -13.07 5.78 9.21
N THR B 135 -11.89 6.29 9.57
CA THR B 135 -10.90 6.69 8.58
C THR B 135 -10.12 5.48 8.13
N PRO B 136 -10.27 5.11 6.85
CA PRO B 136 -9.59 3.92 6.33
C PRO B 136 -8.13 4.19 5.93
N HIS B 137 -7.23 3.34 6.42
CA HIS B 137 -5.83 3.36 6.00
C HIS B 137 -5.49 1.97 5.46
N LEU B 138 -5.95 1.68 4.25
CA LEU B 138 -5.89 0.32 3.74
C LEU B 138 -4.73 0.07 2.78
N GLU B 139 -4.03 -1.02 3.02
CA GLU B 139 -3.02 -1.51 2.08
C GLU B 139 -3.73 -2.52 1.18
N ARG B 140 -3.50 -2.44 -0.11
CA ARG B 140 -4.17 -3.33 -1.07
C ARG B 140 -3.22 -4.35 -1.68
N ASP B 141 -3.64 -5.62 -1.68
CA ASP B 141 -2.87 -6.69 -2.28
C ASP B 141 -3.70 -7.37 -3.36
N PRO B 142 -3.36 -7.14 -4.64
CA PRO B 142 -4.12 -7.66 -5.79
C PRO B 142 -4.18 -9.18 -5.80
N ALA B 143 -3.22 -9.81 -5.16
CA ALA B 143 -3.17 -11.27 -5.10
C ALA B 143 -4.04 -11.82 -3.97
N LEU B 144 -4.30 -10.99 -2.97
CA LEU B 144 -5.04 -11.41 -1.79
C LEU B 144 -6.53 -11.18 -1.95
N PRO B 145 -7.33 -12.23 -1.71
CA PRO B 145 -8.79 -12.04 -1.66
C PRO B 145 -9.17 -11.34 -0.35
N THR B 146 -10.05 -10.35 -0.44
CA THR B 146 -10.58 -9.71 0.76
C THR B 146 -11.27 -10.77 1.58
N THR B 147 -11.04 -10.74 2.89
CA THR B 147 -11.61 -11.75 3.77
C THR B 147 -13.12 -11.59 3.84
N ILE B 148 -13.83 -12.64 3.48
CA ILE B 148 -15.28 -12.63 3.55
C ILE B 148 -15.81 -13.98 4.04
N LYS B 149 -16.63 -13.94 5.08
CA LYS B 149 -17.29 -15.12 5.61
C LYS B 149 -18.77 -15.07 5.22
N LEU B 150 -19.13 -15.90 4.25
CA LEU B 150 -20.48 -15.89 3.67
C LEU B 150 -21.38 -16.97 4.26
N ARG B 151 -22.51 -16.55 4.83
CA ARG B 151 -23.50 -17.49 5.36
C ARG B 151 -24.61 -17.69 4.35
N VAL B 152 -24.94 -18.95 4.08
CA VAL B 152 -26.11 -19.22 3.25
C VAL B 152 -27.23 -19.82 4.08
N LEU B 153 -28.38 -19.15 4.08
CA LEU B 153 -29.51 -19.54 4.92
C LEU B 153 -30.80 -19.76 4.15
N ALA B 154 -31.68 -20.55 4.75
CA ALA B 154 -33.05 -20.72 4.26
C ALA B 154 -33.88 -21.15 5.45
N ARG B 155 -35.12 -20.68 5.51
CA ARG B 155 -36.00 -20.96 6.64
CA ARG B 155 -36.00 -20.96 6.64
C ARG B 155 -35.34 -20.67 7.98
N GLN B 156 -34.57 -19.57 8.03
CA GLN B 156 -33.87 -19.14 9.23
C GLN B 156 -32.86 -20.16 9.77
N GLN B 157 -32.19 -20.89 8.87
CA GLN B 157 -31.09 -21.74 9.29
C GLN B 157 -29.98 -21.79 8.23
N GLN B 158 -28.74 -21.87 8.69
CA GLN B 158 -27.61 -21.93 7.77
C GLN B 158 -27.52 -23.29 7.10
N LEU B 159 -27.18 -23.28 5.82
CA LEU B 159 -27.05 -24.50 5.06
C LEU B 159 -25.57 -24.78 4.84
N LEU B 160 -24.80 -23.71 4.88
CA LEU B 160 -23.38 -23.76 4.57
C LEU B 160 -22.77 -22.41 4.93
N ARG B 161 -21.46 -22.39 5.17
CA ARG B 161 -20.73 -21.14 5.28
C ARG B 161 -19.54 -21.17 4.33
N VAL B 162 -19.33 -20.08 3.61
CA VAL B 162 -18.30 -20.02 2.59
C VAL B 162 -17.26 -18.96 2.94
N ASP B 163 -16.00 -19.35 2.99
CA ASP B 163 -14.92 -18.44 3.34
C ASP B 163 -14.00 -18.13 2.17
N PHE B 164 -13.61 -16.87 2.04
CA PHE B 164 -12.56 -16.45 1.14
C PHE B 164 -11.53 -15.73 1.99
N GLU B 165 -10.30 -16.25 2.02
CA GLU B 165 -9.25 -15.66 2.82
C GLU B 165 -7.90 -16.20 2.42
N ALA B 166 -6.85 -15.43 2.70
CA ALA B 166 -5.50 -15.82 2.34
C ALA B 166 -4.50 -15.03 3.16
N MET B 167 -3.23 -15.43 3.07
CA MET B 167 -2.17 -14.77 3.79
C MET B 167 -1.66 -13.59 2.98
N PRO B 168 -1.51 -12.41 3.61
CA PRO B 168 -0.93 -11.27 2.90
C PRO B 168 0.53 -11.55 2.58
N THR B 169 1.00 -11.07 1.44
CA THR B 169 2.39 -11.28 1.06
C THR B 169 3.31 -10.44 1.95
N HIS B 170 4.54 -10.89 2.12
CA HIS B 170 5.52 -10.26 3.00
C HIS B 170 5.71 -8.78 2.66
N GLU B 171 5.80 -8.50 1.37
CA GLU B 171 5.92 -7.13 0.85
C GLU B 171 4.76 -6.23 1.31
N VAL B 172 3.55 -6.74 1.24
CA VAL B 172 2.36 -5.95 1.62
C VAL B 172 2.31 -5.67 3.12
N LEU B 173 2.66 -6.68 3.91
CA LEU B 173 2.70 -6.54 5.38
C LEU B 173 3.75 -5.54 5.85
N LEU B 174 4.91 -5.53 5.19
CA LEU B 174 5.97 -4.61 5.55
C LEU B 174 5.64 -3.19 5.12
N ALA B 175 4.76 -3.07 4.13
CA ALA B 175 4.30 -1.77 3.68
C ALA B 175 3.38 -1.16 4.73
N GLY B 176 2.44 -1.95 5.24
CA GLY B 176 1.51 -1.50 6.25
C GLY B 176 2.19 -1.17 7.56
N LEU B 177 3.34 -1.80 7.80
CA LEU B 177 4.13 -1.52 8.99
C LEU B 177 4.77 -0.15 8.90
N ALA B 178 5.14 0.24 7.68
CA ALA B 178 5.70 1.56 7.45
C ALA B 178 4.63 2.62 7.71
N ARG B 179 3.42 2.37 7.20
CA ARG B 179 2.30 3.25 7.42
C ARG B 179 2.05 3.45 8.91
N PHE B 180 2.26 2.38 9.68
CA PHE B 180 2.09 2.42 11.13
C PHE B 180 2.96 3.48 11.78
N ASP B 181 4.22 3.56 11.37
CA ASP B 181 5.14 4.58 11.87
C ASP B 181 4.57 5.97 11.62
N VAL B 182 3.97 6.15 10.45
CA VAL B 182 3.43 7.45 10.04
C VAL B 182 2.16 7.78 10.78
N LEU B 183 1.31 6.79 10.97
CA LEU B 183 -0.01 6.98 11.57
C LEU B 183 0.06 7.13 13.07
N LEU B 184 1.06 6.49 13.68
CA LEU B 184 1.26 6.51 15.13
C LEU B 184 1.12 7.90 15.79
N PRO B 185 1.88 8.91 15.32
CA PRO B 185 1.81 10.20 16.01
C PRO B 185 0.45 10.90 15.88
N GLN B 186 -0.38 10.45 14.96
CA GLN B 186 -1.68 11.06 14.73
C GLN B 186 -2.78 10.45 15.59
N HIS B 187 -2.39 9.62 16.56
CA HIS B 187 -3.35 8.92 17.40
C HIS B 187 -2.93 8.88 18.86
N ASP B 188 -3.90 8.72 19.75
CA ASP B 188 -3.66 8.73 21.18
C ASP B 188 -3.49 7.31 21.74
N VAL B 189 -4.04 6.32 21.05
CA VAL B 189 -4.02 4.96 21.54
C VAL B 189 -4.15 3.97 20.39
N VAL B 190 -3.45 2.83 20.50
CA VAL B 190 -3.48 1.80 19.48
C VAL B 190 -4.28 0.59 19.98
N LEU B 191 -5.03 -0.03 19.08
CA LEU B 191 -5.80 -1.22 19.42
C LEU B 191 -5.48 -2.32 18.40
N MET B 192 -4.99 -3.45 18.90
CA MET B 192 -4.69 -4.60 18.05
C MET B 192 -5.86 -5.58 18.07
N SER B 193 -6.48 -5.77 16.91
CA SER B 193 -7.61 -6.69 16.80
C SER B 193 -7.18 -7.93 16.02
N ASP B 194 -6.87 -9.00 16.74
CA ASP B 194 -6.36 -10.21 16.09
C ASP B 194 -7.47 -11.17 15.68
N TYR B 195 -7.36 -11.70 14.47
CA TYR B 195 -8.27 -12.73 13.98
C TYR B 195 -7.52 -13.83 13.24
N ALA B 196 -6.19 -13.83 13.41
CA ALA B 196 -5.31 -14.86 12.83
C ALA B 196 -5.39 -14.98 11.31
N LYS B 197 -5.50 -13.83 10.64
CA LYS B 197 -5.59 -13.81 9.18
C LYS B 197 -4.30 -13.29 8.55
N GLY B 198 -3.40 -12.76 9.37
CA GLY B 198 -2.09 -12.34 8.88
C GLY B 198 -1.75 -10.87 9.09
N GLY B 199 -2.76 -10.05 9.37
CA GLY B 199 -2.57 -8.62 9.53
C GLY B 199 -1.66 -8.23 10.69
N LEU B 200 -1.68 -9.02 11.76
CA LEU B 200 -0.83 -8.75 12.91
C LEU B 200 0.41 -9.64 12.96
N THR B 201 1.01 -9.87 11.79
CA THR B 201 2.24 -10.66 11.69
C THR B 201 3.39 -9.96 12.40
N HIS B 202 3.43 -8.63 12.28
CA HIS B 202 4.51 -7.85 12.90
C HIS B 202 4.02 -7.11 14.14
N VAL B 203 3.13 -7.76 14.89
CA VAL B 203 2.50 -7.11 16.03
C VAL B 203 3.48 -6.75 17.14
N THR B 204 4.50 -7.59 17.35
CA THR B 204 5.46 -7.33 18.42
C THR B 204 6.20 -6.03 18.17
N THR B 205 6.64 -5.83 16.92
CA THR B 205 7.31 -4.60 16.54
C THR B 205 6.38 -3.38 16.68
N MET B 206 5.12 -3.56 16.30
CA MET B 206 4.15 -2.47 16.37
C MET B 206 3.91 -2.05 17.81
N ILE B 207 3.83 -3.02 18.72
CA ILE B 207 3.63 -2.74 20.13
C ILE B 207 4.81 -1.96 20.70
N GLU B 208 6.02 -2.42 20.39
CA GLU B 208 7.22 -1.79 20.94
C GLU B 208 7.35 -0.35 20.47
N LYS B 209 6.94 -0.10 19.24
CA LYS B 209 7.03 1.24 18.67
C LYS B 209 5.99 2.20 19.24
N ALA B 210 4.81 1.66 19.54
CA ALA B 210 3.74 2.48 20.08
C ALA B 210 4.04 2.87 21.53
N ARG B 211 4.48 1.91 22.32
CA ARG B 211 4.81 2.15 23.72
C ARG B 211 6.03 3.06 23.84
N ALA B 212 6.90 3.00 22.84
CA ALA B 212 8.06 3.89 22.78
C ALA B 212 7.61 5.33 22.64
N ALA B 213 6.51 5.53 21.92
CA ALA B 213 5.96 6.86 21.71
C ALA B 213 5.01 7.26 22.84
N GLY B 214 4.98 6.46 23.90
CA GLY B 214 4.16 6.76 25.05
C GLY B 214 2.67 6.70 24.76
N LYS B 215 2.29 5.74 23.93
CA LYS B 215 0.90 5.50 23.62
C LYS B 215 0.49 4.13 24.13
N ALA B 216 -0.72 4.02 24.68
CA ALA B 216 -1.22 2.75 25.17
C ALA B 216 -1.51 1.80 24.01
N VAL B 217 -1.28 0.51 24.23
CA VAL B 217 -1.62 -0.50 23.24
C VAL B 217 -2.55 -1.53 23.85
N LEU B 218 -3.72 -1.69 23.24
CA LEU B 218 -4.69 -2.68 23.70
C LEU B 218 -4.68 -3.85 22.73
N VAL B 219 -4.78 -5.06 23.27
CA VAL B 219 -4.76 -6.25 22.43
C VAL B 219 -5.97 -7.14 22.64
N ASP B 220 -6.69 -7.40 21.57
CA ASP B 220 -7.76 -8.39 21.60
C ASP B 220 -7.18 -9.67 21.02
N PRO B 221 -6.82 -10.60 21.90
CA PRO B 221 -6.01 -11.75 21.51
C PRO B 221 -6.78 -12.81 20.74
N LYS B 222 -6.06 -13.57 19.92
CA LYS B 222 -6.61 -14.75 19.28
C LYS B 222 -5.51 -15.80 19.19
N GLY B 223 -5.76 -16.95 19.83
CA GLY B 223 -4.79 -18.02 19.82
C GLY B 223 -4.19 -18.30 21.19
N ASP B 224 -3.13 -19.12 21.21
CA ASP B 224 -2.50 -19.54 22.46
C ASP B 224 -1.09 -18.96 22.62
N ASP B 225 -0.44 -18.66 21.50
CA ASP B 225 0.88 -18.05 21.55
C ASP B 225 0.77 -16.54 21.77
N TRP B 226 0.74 -16.14 23.03
CA TRP B 226 0.61 -14.73 23.38
C TRP B 226 1.95 -14.03 23.58
N ALA B 227 3.03 -14.72 23.20
CA ALA B 227 4.37 -14.17 23.34
C ALA B 227 4.54 -12.96 22.43
N ARG B 228 3.89 -13.00 21.28
CA ARG B 228 4.01 -11.90 20.31
CA ARG B 228 3.98 -11.91 20.30
C ARG B 228 3.33 -10.62 20.80
N TYR B 229 2.47 -10.77 21.80
CA TYR B 229 1.77 -9.62 22.39
C TYR B 229 2.60 -8.94 23.46
N ARG B 230 3.90 -9.25 23.50
CA ARG B 230 4.75 -8.80 24.60
C ARG B 230 4.89 -7.27 24.68
N GLY B 231 4.66 -6.74 25.87
CA GLY B 231 4.84 -5.31 26.11
C GLY B 231 3.59 -4.48 25.92
N ALA B 232 2.44 -5.14 25.87
CA ALA B 232 1.16 -4.46 25.66
C ALA B 232 0.63 -3.82 26.95
N SER B 233 -0.13 -2.75 26.80
CA SER B 233 -0.71 -2.05 27.95
C SER B 233 -1.81 -2.87 28.59
N LEU B 234 -2.64 -3.49 27.75
CA LEU B 234 -3.80 -4.24 28.21
C LEU B 234 -4.18 -5.30 27.20
N ILE B 235 -4.41 -6.52 27.69
CA ILE B 235 -4.90 -7.60 26.84
C ILE B 235 -6.24 -8.07 27.37
N THR B 236 -7.16 -8.40 26.47
CA THR B 236 -8.55 -8.64 26.86
C THR B 236 -9.11 -9.97 26.39
N PRO B 237 -8.83 -11.06 27.12
CA PRO B 237 -9.37 -12.36 26.75
C PRO B 237 -10.65 -12.71 27.52
N ASN B 238 -11.39 -13.69 27.01
CA ASN B 238 -12.49 -14.24 27.77
C ASN B 238 -12.01 -15.42 28.62
N ARG B 239 -12.93 -16.07 29.32
CA ARG B 239 -12.58 -17.23 30.12
CA ARG B 239 -12.58 -17.25 30.13
C ARG B 239 -11.95 -18.34 29.28
N ALA B 240 -12.60 -18.66 28.16
CA ALA B 240 -12.14 -19.72 27.27
C ALA B 240 -10.77 -19.40 26.66
N GLU B 241 -10.62 -18.16 26.18
CA GLU B 241 -9.38 -17.71 25.55
C GLU B 241 -8.19 -17.81 26.50
N LEU B 242 -8.46 -17.59 27.78
CA LEU B 242 -7.43 -17.59 28.80
C LEU B 242 -6.96 -19.01 29.14
N ARG B 243 -7.90 -19.94 29.23
CA ARG B 243 -7.62 -21.29 29.69
C ARG B 243 -6.57 -22.02 28.86
N GLU B 244 -6.66 -21.93 27.53
CA GLU B 244 -5.71 -22.68 26.69
C GLU B 244 -4.30 -22.08 26.77
N VAL B 245 -4.18 -20.93 27.42
CA VAL B 245 -2.89 -20.29 27.64
C VAL B 245 -2.32 -20.65 29.02
N VAL B 246 -3.16 -20.61 30.05
CA VAL B 246 -2.71 -20.89 31.41
C VAL B 246 -3.20 -22.22 32.00
N GLY B 247 -4.41 -22.63 31.64
CA GLY B 247 -5.02 -23.81 32.22
C GLY B 247 -6.24 -23.46 33.05
N GLN B 248 -6.73 -24.42 33.84
CA GLN B 248 -7.93 -24.20 34.64
C GLN B 248 -7.60 -23.90 36.10
N TRP B 249 -8.08 -22.74 36.56
CA TRP B 249 -7.88 -22.31 37.95
C TRP B 249 -8.98 -22.81 38.88
N LYS B 250 -8.60 -23.17 40.10
CA LYS B 250 -9.57 -23.64 41.09
C LYS B 250 -9.56 -22.81 42.36
N SER B 251 -9.80 -21.51 42.18
CA SER B 251 -9.89 -20.52 43.24
C SER B 251 -9.89 -19.17 42.52
N GLU B 252 -10.36 -18.13 43.20
CA GLU B 252 -10.20 -16.78 42.65
C GLU B 252 -8.75 -16.37 42.89
N ASP B 253 -8.14 -16.99 43.90
CA ASP B 253 -6.72 -16.80 44.21
C ASP B 253 -5.81 -17.46 43.18
N ASP B 254 -6.19 -18.65 42.72
CA ASP B 254 -5.42 -19.38 41.73
C ASP B 254 -5.40 -18.64 40.40
N LEU B 255 -6.58 -18.19 39.96
CA LEU B 255 -6.72 -17.38 38.76
C LEU B 255 -5.85 -16.13 38.83
N ARG B 256 -5.89 -15.45 39.98
CA ARG B 256 -5.23 -14.14 40.10
C ARG B 256 -3.71 -14.27 40.16
N ALA B 257 -3.23 -15.45 40.56
CA ALA B 257 -1.80 -15.73 40.58
C ALA B 257 -1.35 -16.25 39.21
N ARG B 258 -2.20 -17.06 38.58
CA ARG B 258 -1.95 -17.55 37.22
C ARG B 258 -1.82 -16.39 36.24
N VAL B 259 -2.61 -15.34 36.46
CA VAL B 259 -2.59 -14.16 35.60
C VAL B 259 -1.38 -13.29 35.89
N ALA B 260 -1.08 -13.12 37.17
CA ALA B 260 0.05 -12.29 37.60
C ALA B 260 1.38 -12.81 37.04
N ASN B 261 1.53 -14.13 37.02
CA ASN B 261 2.70 -14.75 36.42
C ASN B 261 2.74 -14.49 34.92
N LEU B 262 1.58 -14.56 34.28
CA LEU B 262 1.47 -14.36 32.84
C LEU B 262 1.89 -12.94 32.46
N ARG B 263 1.37 -11.96 33.18
CA ARG B 263 1.73 -10.56 32.94
C ARG B 263 3.20 -10.30 33.23
N ALA B 264 3.81 -11.12 34.07
CA ALA B 264 5.22 -10.97 34.36
C ALA B 264 6.05 -11.43 33.16
N GLU B 265 5.76 -12.63 32.66
CA GLU B 265 6.44 -13.19 31.51
C GLU B 265 6.29 -12.31 30.26
N LEU B 266 5.08 -11.79 30.06
CA LEU B 266 4.75 -11.08 28.83
C LEU B 266 4.90 -9.56 28.88
N ASP B 267 5.33 -9.03 30.01
CA ASP B 267 5.48 -7.57 30.20
C ASP B 267 4.19 -6.82 29.84
N ILE B 268 3.06 -7.41 30.17
CA ILE B 268 1.77 -6.79 29.89
C ILE B 268 1.24 -6.12 31.16
N ASP B 269 0.90 -4.84 31.05
CA ASP B 269 0.60 -4.04 32.23
C ASP B 269 -0.77 -4.27 32.88
N ALA B 270 -1.70 -4.88 32.13
CA ALA B 270 -3.02 -5.19 32.67
C ALA B 270 -3.71 -6.28 31.87
N LEU B 271 -4.56 -7.04 32.53
CA LEU B 271 -5.33 -8.08 31.85
C LEU B 271 -6.80 -7.94 32.22
N LEU B 272 -7.62 -7.59 31.23
CA LEU B 272 -9.06 -7.44 31.45
C LEU B 272 -9.78 -8.72 31.06
N LEU B 273 -10.16 -9.50 32.06
CA LEU B 273 -10.84 -10.78 31.80
C LEU B 273 -12.36 -10.60 31.72
N THR B 274 -12.90 -10.89 30.54
CA THR B 274 -14.34 -10.91 30.33
C THR B 274 -14.88 -12.30 30.68
N ARG B 275 -15.96 -12.34 31.46
CA ARG B 275 -16.41 -13.59 32.07
C ARG B 275 -17.90 -13.87 31.89
N SER B 276 -18.54 -13.21 30.93
CA SER B 276 -19.96 -13.39 30.64
C SER B 276 -20.78 -13.05 31.89
N GLU B 277 -21.61 -13.99 32.35
CA GLU B 277 -22.53 -13.72 33.45
C GLU B 277 -21.93 -13.24 34.77
N GLU B 278 -20.61 -13.38 34.90
CA GLU B 278 -19.93 -12.91 36.10
C GLU B 278 -19.06 -11.69 35.82
N GLY B 279 -19.46 -10.91 34.81
CA GLY B 279 -18.87 -9.62 34.53
C GLY B 279 -17.42 -9.62 34.07
N MET B 280 -16.68 -8.61 34.50
CA MET B 280 -15.27 -8.45 34.15
C MET B 280 -14.41 -8.33 35.40
N THR B 281 -13.15 -8.70 35.27
CA THR B 281 -12.17 -8.43 36.31
C THR B 281 -10.91 -7.84 35.70
N LEU B 282 -10.53 -6.65 36.16
CA LEU B 282 -9.34 -5.99 35.67
C LEU B 282 -8.14 -6.34 36.53
N PHE B 283 -7.20 -7.10 35.97
CA PHE B 283 -5.98 -7.46 36.69
C PHE B 283 -4.85 -6.50 36.30
N SER B 284 -4.75 -5.38 37.01
CA SER B 284 -3.68 -4.43 36.77
C SER B 284 -2.79 -4.30 38.01
N ALA B 285 -1.65 -3.65 37.85
CA ALA B 285 -0.79 -3.34 38.97
C ALA B 285 -1.46 -2.32 39.87
N GLY B 286 -1.49 -2.60 41.17
CA GLY B 286 -2.14 -1.71 42.11
C GLY B 286 -3.44 -2.29 42.64
N GLY B 287 -3.82 -3.45 42.12
CA GLY B 287 -5.02 -4.12 42.58
C GLY B 287 -5.97 -4.51 41.46
N GLU B 288 -6.97 -5.31 41.80
CA GLU B 288 -7.95 -5.76 40.82
C GLU B 288 -9.24 -4.95 40.87
N LEU B 289 -10.16 -5.26 39.98
CA LEU B 289 -11.43 -4.55 39.91
C LEU B 289 -12.48 -5.39 39.18
N HIS B 290 -13.51 -5.81 39.90
CA HIS B 290 -14.58 -6.62 39.32
C HIS B 290 -15.82 -5.77 39.05
N ALA B 291 -16.41 -5.96 37.88
CA ALA B 291 -17.64 -5.28 37.51
C ALA B 291 -18.61 -6.29 36.89
N PRO B 292 -19.75 -6.52 37.55
CA PRO B 292 -20.70 -7.55 37.11
C PRO B 292 -21.62 -7.09 35.97
N ALA B 293 -22.30 -8.04 35.34
CA ALA B 293 -23.20 -7.75 34.23
C ALA B 293 -24.46 -7.04 34.68
N LEU B 294 -25.10 -6.30 33.78
CA LEU B 294 -26.32 -5.57 34.11
C LEU B 294 -27.55 -6.10 33.37
N VAL B 301 -25.89 -11.54 21.29
CA VAL B 301 -24.73 -11.40 22.14
C VAL B 301 -23.44 -11.40 21.30
N SER B 302 -23.56 -10.89 20.07
CA SER B 302 -22.42 -10.86 19.16
C SER B 302 -21.76 -9.48 19.11
N GLY B 303 -20.43 -9.48 18.94
CA GLY B 303 -19.67 -8.24 18.86
C GLY B 303 -19.54 -7.55 20.19
N ALA B 304 -19.94 -8.26 21.25
CA ALA B 304 -19.87 -7.74 22.60
C ALA B 304 -18.42 -7.50 22.99
N GLY B 305 -17.56 -8.45 22.64
CA GLY B 305 -16.13 -8.32 22.89
C GLY B 305 -15.56 -7.13 22.14
N ASP B 306 -16.01 -6.95 20.90
CA ASP B 306 -15.56 -5.81 20.11
C ASP B 306 -15.96 -4.49 20.76
N THR B 307 -17.16 -4.45 21.35
CA THR B 307 -17.66 -3.24 21.97
C THR B 307 -16.84 -2.84 23.20
N VAL B 308 -16.47 -3.83 24.02
CA VAL B 308 -15.77 -3.55 25.26
C VAL B 308 -14.32 -3.10 25.04
N ILE B 309 -13.64 -3.68 24.06
CA ILE B 309 -12.25 -3.35 23.79
C ILE B 309 -12.19 -1.98 23.12
N ALA B 310 -13.24 -1.63 22.38
CA ALA B 310 -13.29 -0.36 21.67
C ALA B 310 -13.72 0.76 22.61
N THR B 311 -14.44 0.41 23.66
CA THR B 311 -14.88 1.40 24.64
C THR B 311 -13.73 1.80 25.54
N VAL B 312 -12.98 0.80 26.01
CA VAL B 312 -11.80 1.05 26.82
C VAL B 312 -10.81 1.95 26.06
N ALA B 313 -10.59 1.66 24.79
CA ALA B 313 -9.66 2.42 23.95
C ALA B 313 -10.09 3.87 23.75
N THR B 314 -11.36 4.07 23.39
CA THR B 314 -11.90 5.41 23.20
C THR B 314 -11.81 6.22 24.49
N MET B 315 -12.09 5.56 25.61
CA MET B 315 -12.05 6.21 26.90
C MET B 315 -10.63 6.58 27.32
N LEU B 316 -9.71 5.63 27.15
CA LEU B 316 -8.31 5.87 27.47
C LEU B 316 -7.75 7.01 26.63
N GLY B 317 -8.11 7.03 25.35
CA GLY B 317 -7.64 8.06 24.43
C GLY B 317 -8.20 9.43 24.80
N ALA B 318 -9.30 9.42 25.56
CA ALA B 318 -9.92 10.65 26.01
C ALA B 318 -9.42 11.04 27.39
N GLY B 319 -8.29 10.46 27.79
CA GLY B 319 -7.62 10.82 29.03
C GLY B 319 -8.28 10.36 30.31
N VAL B 320 -9.33 9.54 30.20
CA VAL B 320 -9.98 9.00 31.38
C VAL B 320 -9.18 7.83 31.94
N PRO B 321 -9.18 7.66 33.28
CA PRO B 321 -8.44 6.58 33.94
C PRO B 321 -8.90 5.19 33.48
N LEU B 322 -8.01 4.21 33.61
CA LEU B 322 -8.27 2.86 33.11
C LEU B 322 -9.45 2.20 33.78
N VAL B 323 -9.53 2.32 35.11
CA VAL B 323 -10.61 1.69 35.87
C VAL B 323 -11.98 2.29 35.52
N ASP B 324 -11.99 3.57 35.18
CA ASP B 324 -13.22 4.22 34.72
C ASP B 324 -13.61 3.70 33.35
N ALA B 325 -12.62 3.47 32.50
CA ALA B 325 -12.85 2.95 31.17
C ALA B 325 -13.47 1.56 31.24
N VAL B 326 -13.02 0.77 32.20
CA VAL B 326 -13.48 -0.62 32.34
C VAL B 326 -14.96 -0.70 32.71
N VAL B 327 -15.39 0.07 33.71
CA VAL B 327 -16.78 0.03 34.13
C VAL B 327 -17.72 0.57 33.05
N LEU B 328 -17.29 1.61 32.34
CA LEU B 328 -18.08 2.16 31.24
C LEU B 328 -18.19 1.15 30.10
N ALA B 329 -17.12 0.37 29.93
CA ALA B 329 -17.10 -0.70 28.93
C ALA B 329 -18.02 -1.84 29.36
N ASN B 330 -18.11 -2.06 30.67
CA ASN B 330 -19.00 -3.08 31.18
C ASN B 330 -20.47 -2.71 30.93
N ARG B 331 -20.77 -1.43 31.03
CA ARG B 331 -22.12 -0.94 30.73
C ARG B 331 -22.40 -1.08 29.25
N ALA B 332 -21.40 -0.73 28.45
CA ALA B 332 -21.50 -0.86 27.00
C ALA B 332 -21.80 -2.30 26.63
N ALA B 333 -21.18 -3.22 27.37
CA ALA B 333 -21.41 -4.64 27.17
C ALA B 333 -22.84 -5.00 27.54
N GLY B 334 -23.37 -4.35 28.57
CA GLY B 334 -24.72 -4.59 29.03
C GLY B 334 -25.79 -4.02 28.11
N ILE B 335 -25.37 -3.35 27.04
CA ILE B 335 -26.32 -2.78 26.09
C ILE B 335 -26.29 -3.54 24.76
N VAL B 336 -25.08 -3.79 24.27
CA VAL B 336 -24.86 -4.48 22.99
C VAL B 336 -25.45 -5.88 22.98
N VAL B 337 -25.63 -6.46 24.17
CA VAL B 337 -26.20 -7.79 24.30
C VAL B 337 -27.72 -7.80 24.14
N GLY B 338 -28.31 -6.62 23.97
CA GLY B 338 -29.76 -6.50 23.86
C GLY B 338 -30.26 -5.86 22.58
N LYS B 339 -29.81 -6.37 21.44
CA LYS B 339 -30.21 -5.85 20.14
C LYS B 339 -30.06 -6.89 19.04
N GLY B 341 -27.52 -8.14 15.74
CA GLY B 341 -26.32 -8.51 15.01
C GLY B 341 -25.06 -8.09 15.73
N THR B 342 -24.64 -6.85 15.50
CA THR B 342 -23.42 -6.32 16.12
C THR B 342 -23.57 -4.81 16.32
N ALA B 343 -24.69 -4.42 16.91
CA ALA B 343 -24.97 -3.01 17.12
C ALA B 343 -24.01 -2.39 18.13
N THR B 344 -23.92 -1.07 18.09
CA THR B 344 -23.00 -0.34 18.94
C THR B 344 -23.77 0.61 19.86
N VAL B 345 -23.06 1.19 20.82
CA VAL B 345 -23.65 2.10 21.79
C VAL B 345 -23.31 3.54 21.48
N ASP B 346 -24.32 4.40 21.41
CA ASP B 346 -24.10 5.82 21.18
C ASP B 346 -23.86 6.53 22.50
N TYR B 347 -23.40 7.78 22.41
CA TYR B 347 -23.12 8.57 23.60
C TYR B 347 -24.32 8.65 24.55
N ASP B 348 -25.47 9.08 24.05
CA ASP B 348 -26.66 9.28 24.89
C ASP B 348 -27.12 8.02 25.62
N GLU B 349 -27.00 6.88 24.95
CA GLU B 349 -27.37 5.60 25.54
C GLU B 349 -26.59 5.34 26.82
N LEU B 350 -25.28 5.50 26.73
CA LEU B 350 -24.38 5.17 27.82
C LEU B 350 -24.41 6.21 28.94
N PHE B 351 -24.31 7.48 28.56
CA PHE B 351 -24.31 8.59 29.52
C PHE B 351 -24.57 9.93 28.84
#